data_9J0E
#
_entry.id   9J0E
#
_cell.length_a   101.490
_cell.length_b   133.760
_cell.length_c   43.480
_cell.angle_alpha   90.00
_cell.angle_beta   90.00
_cell.angle_gamma   90.00
#
_symmetry.space_group_name_H-M   'P 21 21 2'
#
loop_
_entity.id
_entity.type
_entity.pdbx_description
1 polymer 'Putative oxidoreductase GLYR1 like protein'
2 non-polymer 'NADP NICOTINAMIDE-ADENINE-DINUCLEOTIDE PHOSPHATE'
3 water water
#
_entity_poly.entity_id   1
_entity_poly.type   'polypeptide(L)'
_entity_poly.pdbx_seq_one_letter_code
;TLTPVTVIGLGAMGQALAGAFLKAGHPTTIWNRSPGKGEDLVARGATRAATPAEAVRAGEVVVVCVVDYEASQSILEPIA
ADLAGRVLVNVTSDAPERAREAGEWAAEHDIAYLDGAVMIPTVMIGTPDALLFYSGDKAAYDKHEGLLKSLGGQSAYVGA
DHGLAAVYDLSMLDFLFTSMSGLVHGYALAAKDGVPAASIAPFLKSHISLLSLAVEETAKNLDEGAYPGAEANLAMAVEG
IEHILHAAERRGLDVSVLRGVRDVAQRAVDLGHGADSWSATVEGARNPA
;
_entity_poly.pdbx_strand_id   A,B
#
# COMPACT_ATOMS: atom_id res chain seq x y z
N LEU A 2 14.80 -4.88 -39.18
CA LEU A 2 14.38 -5.52 -37.95
C LEU A 2 15.59 -5.84 -37.06
N THR A 3 15.84 -4.93 -36.12
CA THR A 3 17.10 -4.93 -35.39
C THR A 3 17.24 -6.24 -34.62
N PRO A 4 18.38 -6.93 -34.75
CA PRO A 4 18.62 -8.12 -33.92
C PRO A 4 18.95 -7.73 -32.50
N VAL A 5 18.43 -8.49 -31.55
CA VAL A 5 18.54 -8.19 -30.14
C VAL A 5 18.99 -9.45 -29.40
N THR A 6 19.62 -9.25 -28.25
CA THR A 6 20.06 -10.32 -27.36
C THR A 6 19.47 -10.10 -25.98
N VAL A 7 19.04 -11.18 -25.34
CA VAL A 7 18.58 -11.15 -23.96
C VAL A 7 19.53 -12.01 -23.13
N ILE A 8 20.11 -11.40 -22.10
CA ILE A 8 20.99 -12.07 -21.13
C ILE A 8 20.17 -12.28 -19.86
N GLY A 9 19.91 -13.54 -19.52
CA GLY A 9 19.09 -13.85 -18.37
C GLY A 9 17.78 -14.50 -18.76
N LEU A 10 17.58 -15.75 -18.34
CA LEU A 10 16.37 -16.50 -18.66
C LEU A 10 15.60 -16.89 -17.42
N GLY A 11 15.63 -16.02 -16.40
CA GLY A 11 14.64 -16.08 -15.35
C GLY A 11 13.27 -15.76 -15.91
N ALA A 12 12.30 -15.63 -15.01
CA ALA A 12 10.94 -15.34 -15.44
C ALA A 12 10.88 -14.08 -16.29
N MET A 13 11.54 -13.02 -15.84
CA MET A 13 11.41 -11.77 -16.58
C MET A 13 12.24 -11.75 -17.86
N GLY A 14 13.47 -12.27 -17.83
CA GLY A 14 14.23 -12.38 -19.07
C GLY A 14 13.49 -13.15 -20.14
N GLN A 15 12.83 -14.26 -19.75
CA GLN A 15 12.06 -15.02 -20.73
C GLN A 15 10.90 -14.19 -21.28
N ALA A 16 10.25 -13.41 -20.43
CA ALA A 16 9.18 -12.52 -20.91
C ALA A 16 9.73 -11.49 -21.91
N LEU A 17 10.88 -10.89 -21.61
CA LEU A 17 11.45 -9.91 -22.53
C LEU A 17 11.77 -10.55 -23.87
N ALA A 18 12.44 -11.72 -23.85
CA ALA A 18 12.76 -12.39 -25.09
C ALA A 18 11.49 -12.74 -25.86
N GLY A 19 10.45 -13.19 -25.16
CA GLY A 19 9.20 -13.51 -25.83
C GLY A 19 8.57 -12.29 -26.52
N ALA A 20 8.66 -11.13 -25.90
CA ALA A 20 8.10 -9.92 -26.50
C ALA A 20 8.89 -9.49 -27.72
N PHE A 21 10.23 -9.61 -27.69
CA PHE A 21 11.03 -9.30 -28.86
C PHE A 21 10.68 -10.22 -30.03
N LEU A 22 10.48 -11.52 -29.74
CA LEU A 22 10.10 -12.45 -30.80
C LEU A 22 8.71 -12.13 -31.36
N LYS A 23 7.75 -11.86 -30.47
CA LYS A 23 6.40 -11.50 -30.92
C LYS A 23 6.44 -10.29 -31.85
N ALA A 24 7.34 -9.35 -31.57
CA ALA A 24 7.47 -8.15 -32.40
C ALA A 24 8.24 -8.39 -33.69
N GLY A 25 8.79 -9.59 -33.89
CA GLY A 25 9.49 -9.90 -35.12
C GLY A 25 10.99 -9.68 -35.11
N HIS A 26 11.58 -9.40 -33.97
CA HIS A 26 13.02 -9.17 -33.94
C HIS A 26 13.76 -10.50 -33.87
N PRO A 27 14.82 -10.67 -34.67
CA PRO A 27 15.74 -11.79 -34.41
C PRO A 27 16.25 -11.67 -32.99
N THR A 28 16.14 -12.76 -32.23
CA THR A 28 16.40 -12.74 -30.80
C THR A 28 17.34 -13.87 -30.45
N THR A 29 18.43 -13.54 -29.75
CA THR A 29 19.38 -14.51 -29.25
C THR A 29 19.35 -14.47 -27.73
N ILE A 30 19.41 -15.64 -27.10
CA ILE A 30 19.23 -15.76 -25.66
C ILE A 30 20.41 -16.46 -25.03
N TRP A 31 20.65 -16.15 -23.75
CA TRP A 31 21.72 -16.79 -22.98
C TRP A 31 21.35 -16.78 -21.50
N ASN A 32 21.73 -17.84 -20.79
CA ASN A 32 21.53 -17.90 -19.35
C ASN A 32 22.69 -18.68 -18.74
N ARG A 33 23.05 -18.32 -17.51
CA ARG A 33 24.11 -19.04 -16.80
C ARG A 33 23.79 -20.52 -16.72
N SER A 34 22.61 -20.86 -16.21
CA SER A 34 22.22 -22.25 -15.97
C SER A 34 21.52 -22.81 -17.20
N PRO A 35 21.84 -24.03 -17.62
CA PRO A 35 21.31 -24.55 -18.88
C PRO A 35 19.87 -25.03 -18.77
N GLY A 36 19.23 -25.16 -19.93
CA GLY A 36 17.97 -25.85 -20.06
C GLY A 36 16.72 -25.02 -19.88
N LYS A 37 16.83 -23.71 -19.73
CA LYS A 37 15.68 -22.86 -19.50
C LYS A 37 15.15 -22.28 -20.83
N GLY A 38 13.86 -21.95 -20.84
CA GLY A 38 13.30 -21.28 -21.99
C GLY A 38 13.16 -22.11 -23.25
N GLU A 39 12.86 -23.40 -23.11
CA GLU A 39 12.64 -24.26 -24.27
C GLU A 39 11.67 -23.62 -25.27
N ASP A 40 10.61 -22.99 -24.78
CA ASP A 40 9.59 -22.48 -25.69
C ASP A 40 10.10 -21.29 -26.50
N LEU A 41 11.10 -20.56 -25.99
CA LEU A 41 11.63 -19.44 -26.76
C LEU A 41 12.32 -19.91 -28.03
N VAL A 42 13.05 -21.02 -27.96
CA VAL A 42 13.67 -21.55 -29.16
C VAL A 42 12.61 -22.09 -30.11
N ALA A 43 11.55 -22.70 -29.56
CA ALA A 43 10.45 -23.14 -30.42
C ALA A 43 9.78 -21.97 -31.11
N ARG A 44 9.85 -20.76 -30.53
CA ARG A 44 9.32 -19.53 -31.12
C ARG A 44 10.29 -18.83 -32.04
N GLY A 45 11.49 -19.36 -32.20
CA GLY A 45 12.44 -18.81 -33.15
C GLY A 45 13.71 -18.22 -32.56
N ALA A 46 13.90 -18.24 -31.24
CA ALA A 46 15.11 -17.68 -30.68
C ALA A 46 16.32 -18.57 -31.00
N THR A 47 17.49 -17.93 -31.13
CA THR A 47 18.75 -18.65 -31.18
C THR A 47 19.33 -18.71 -29.78
N ARG A 48 19.77 -19.90 -29.35
CA ARG A 48 20.39 -20.03 -28.04
C ARG A 48 21.90 -19.94 -28.18
N ALA A 49 22.50 -18.93 -27.54
CA ALA A 49 23.94 -18.75 -27.61
C ALA A 49 24.66 -19.65 -26.61
N ALA A 50 25.82 -20.16 -27.04
CA ALA A 50 26.59 -21.07 -26.20
C ALA A 50 27.46 -20.35 -25.19
N THR A 51 27.81 -19.09 -25.44
CA THR A 51 28.69 -18.32 -24.57
C THR A 51 28.15 -16.90 -24.48
N PRO A 52 28.50 -16.16 -23.44
CA PRO A 52 28.07 -14.75 -23.37
C PRO A 52 28.60 -13.91 -24.51
N ALA A 53 29.85 -14.14 -24.93
CA ALA A 53 30.40 -13.38 -26.05
C ALA A 53 29.62 -13.64 -27.33
N GLU A 54 29.31 -14.91 -27.60
CA GLU A 54 28.47 -15.21 -28.76
C GLU A 54 27.14 -14.48 -28.67
N ALA A 55 26.53 -14.49 -27.48
CA ALA A 55 25.23 -13.83 -27.30
C ALA A 55 25.33 -12.36 -27.66
N VAL A 56 26.29 -11.64 -27.08
CA VAL A 56 26.35 -10.20 -27.33
C VAL A 56 26.67 -9.90 -28.79
N ARG A 57 27.53 -10.71 -29.42
CA ARG A 57 27.87 -10.45 -30.82
C ARG A 57 26.70 -10.64 -31.77
N ALA A 58 25.61 -11.28 -31.32
CA ALA A 58 24.44 -11.50 -32.15
C ALA A 58 23.41 -10.38 -32.07
N GLY A 59 23.61 -9.39 -31.22
CA GLY A 59 22.64 -8.32 -31.03
C GLY A 59 23.25 -6.95 -31.25
N GLU A 60 22.49 -6.09 -31.93
CA GLU A 60 22.84 -4.68 -31.96
C GLU A 60 22.46 -4.00 -30.65
N VAL A 61 21.48 -4.56 -29.93
CA VAL A 61 21.09 -4.13 -28.60
C VAL A 61 21.12 -5.35 -27.71
N VAL A 62 21.71 -5.22 -26.53
CA VAL A 62 21.87 -6.32 -25.58
C VAL A 62 21.12 -5.93 -24.31
N VAL A 63 20.09 -6.70 -23.97
CA VAL A 63 19.23 -6.44 -22.83
C VAL A 63 19.55 -7.46 -21.75
N VAL A 64 19.91 -6.98 -20.55
CA VAL A 64 20.28 -7.82 -19.41
C VAL A 64 19.19 -7.74 -18.35
N CYS A 65 18.83 -8.89 -17.79
CA CYS A 65 17.80 -8.94 -16.75
C CYS A 65 18.11 -10.14 -15.84
N VAL A 66 18.89 -9.87 -14.79
CA VAL A 66 19.27 -10.91 -13.83
C VAL A 66 18.95 -10.40 -12.42
N VAL A 67 19.41 -11.09 -11.38
CA VAL A 67 18.90 -10.78 -10.05
C VAL A 67 19.53 -9.52 -9.44
N ASP A 68 20.77 -9.20 -9.77
CA ASP A 68 21.44 -8.03 -9.18
C ASP A 68 22.64 -7.66 -10.04
N TYR A 69 23.29 -6.54 -9.69
CA TYR A 69 24.44 -6.07 -10.46
C TYR A 69 25.72 -6.85 -10.17
N GLU A 70 25.85 -7.48 -9.01
CA GLU A 70 26.96 -8.42 -8.87
C GLU A 70 26.89 -9.47 -9.95
N ALA A 71 25.68 -9.97 -10.22
CA ALA A 71 25.49 -10.95 -11.29
C ALA A 71 25.71 -10.33 -12.67
N SER A 72 25.04 -9.20 -12.97
CA SER A 72 25.18 -8.64 -14.31
C SER A 72 26.63 -8.30 -14.63
N GLN A 73 27.34 -7.66 -13.71
CA GLN A 73 28.69 -7.24 -14.01
C GLN A 73 29.64 -8.43 -14.10
N SER A 74 29.36 -9.51 -13.37
CA SER A 74 30.19 -10.71 -13.49
C SER A 74 30.07 -11.31 -14.90
N ILE A 75 28.92 -11.15 -15.55
CA ILE A 75 28.73 -11.60 -16.92
C ILE A 75 29.38 -10.63 -17.89
N LEU A 76 29.19 -9.33 -17.68
CA LEU A 76 29.50 -8.34 -18.71
C LEU A 76 30.97 -7.93 -18.71
N GLU A 77 31.59 -7.85 -17.54
CA GLU A 77 32.97 -7.37 -17.49
C GLU A 77 33.93 -8.17 -18.38
N PRO A 78 33.89 -9.51 -18.39
CA PRO A 78 34.83 -10.26 -19.24
C PRO A 78 34.60 -10.06 -20.73
N ILE A 79 33.45 -9.55 -21.14
CA ILE A 79 33.12 -9.43 -22.57
C ILE A 79 33.00 -7.98 -23.01
N ALA A 80 33.61 -7.05 -22.26
CA ALA A 80 33.55 -5.64 -22.60
C ALA A 80 33.95 -5.37 -24.05
N ALA A 81 35.01 -6.04 -24.52
CA ALA A 81 35.48 -5.79 -25.87
C ALA A 81 34.41 -6.13 -26.91
N ASP A 82 33.62 -7.18 -26.66
CA ASP A 82 32.59 -7.56 -27.63
C ASP A 82 31.35 -6.69 -27.56
N LEU A 83 31.20 -5.90 -26.50
CA LEU A 83 30.10 -4.95 -26.41
C LEU A 83 30.36 -3.66 -27.19
N ALA A 84 31.60 -3.40 -27.60
CA ALA A 84 31.91 -2.21 -28.37
C ALA A 84 31.02 -2.10 -29.59
N GLY A 85 30.45 -0.92 -29.79
CA GLY A 85 29.59 -0.66 -30.92
C GLY A 85 28.16 -1.13 -30.76
N ARG A 86 27.81 -1.73 -29.63
CA ARG A 86 26.46 -2.17 -29.35
C ARG A 86 25.87 -1.30 -28.23
N VAL A 87 24.55 -1.34 -28.13
CA VAL A 87 23.85 -0.64 -27.06
C VAL A 87 23.54 -1.64 -25.96
N LEU A 88 24.06 -1.39 -24.76
CA LEU A 88 23.81 -2.22 -23.60
C LEU A 88 22.66 -1.63 -22.79
N VAL A 89 21.68 -2.46 -22.47
CA VAL A 89 20.48 -2.05 -21.73
C VAL A 89 20.33 -3.01 -20.56
N ASN A 90 20.54 -2.53 -19.35
CA ASN A 90 20.42 -3.38 -18.17
C ASN A 90 19.16 -2.97 -17.41
N VAL A 91 18.17 -3.87 -17.36
CA VAL A 91 16.92 -3.60 -16.66
C VAL A 91 16.81 -4.36 -15.35
N THR A 92 17.92 -4.94 -14.87
CA THR A 92 17.97 -5.53 -13.53
C THR A 92 17.65 -4.48 -12.49
N SER A 93 16.77 -4.82 -11.53
CA SER A 93 16.42 -3.88 -10.46
C SER A 93 17.51 -3.87 -9.39
N ASP A 94 18.10 -2.69 -9.13
CA ASP A 94 19.11 -2.55 -8.10
C ASP A 94 19.27 -1.07 -7.78
N ALA A 95 20.23 -0.77 -6.91
CA ALA A 95 20.35 0.57 -6.33
C ALA A 95 20.97 1.54 -7.34
N PRO A 96 20.65 2.84 -7.20
CA PRO A 96 21.29 3.83 -8.09
C PRO A 96 22.80 3.78 -8.05
N GLU A 97 23.40 3.47 -6.88
CA GLU A 97 24.85 3.38 -6.79
C GLU A 97 25.40 2.32 -7.73
N ARG A 98 24.70 1.18 -7.85
CA ARG A 98 25.17 0.12 -8.73
C ARG A 98 25.01 0.53 -10.20
N ALA A 99 23.89 1.19 -10.52
CA ALA A 99 23.70 1.65 -11.89
C ALA A 99 24.76 2.68 -12.29
N ARG A 100 25.12 3.55 -11.35
CA ARG A 100 26.12 4.58 -11.65
C ARG A 100 27.50 3.97 -11.81
N GLU A 101 27.84 2.98 -11.00
CA GLU A 101 29.10 2.26 -11.20
C GLU A 101 29.12 1.56 -12.55
N ALA A 102 28.03 0.89 -12.90
CA ALA A 102 27.97 0.23 -14.21
C ALA A 102 28.09 1.25 -15.33
N GLY A 103 27.46 2.42 -15.15
CA GLY A 103 27.56 3.46 -16.17
C GLY A 103 28.98 3.98 -16.34
N GLU A 104 29.71 4.11 -15.23
CA GLU A 104 31.11 4.54 -15.33
C GLU A 104 31.94 3.50 -16.05
N TRP A 105 31.69 2.21 -15.76
CA TRP A 105 32.41 1.14 -16.44
C TRP A 105 32.08 1.14 -17.93
N ALA A 106 30.80 1.30 -18.28
CA ALA A 106 30.42 1.36 -19.69
C ALA A 106 31.12 2.51 -20.40
N ALA A 107 31.16 3.68 -19.78
CA ALA A 107 31.81 4.82 -20.40
C ALA A 107 33.29 4.55 -20.64
N GLU A 108 33.95 3.91 -19.67
CA GLU A 108 35.36 3.59 -19.83
C GLU A 108 35.61 2.69 -21.05
N HIS A 109 34.65 1.85 -21.41
CA HIS A 109 34.84 0.87 -22.48
C HIS A 109 34.10 1.24 -23.76
N ASP A 110 33.63 2.48 -23.89
CA ASP A 110 33.00 2.94 -25.13
C ASP A 110 31.75 2.15 -25.46
N ILE A 111 30.91 1.90 -24.44
CA ILE A 111 29.68 1.15 -24.62
C ILE A 111 28.52 2.10 -24.34
N ALA A 112 27.71 2.36 -25.37
CA ALA A 112 26.47 3.12 -25.19
C ALA A 112 25.57 2.39 -24.21
N TYR A 113 25.04 3.12 -23.23
CA TYR A 113 24.47 2.47 -22.06
C TYR A 113 23.14 3.09 -21.66
N LEU A 114 22.13 2.24 -21.51
CA LEU A 114 20.86 2.59 -20.88
C LEU A 114 20.68 1.70 -19.67
N ASP A 115 20.40 2.33 -18.53
CA ASP A 115 20.10 1.62 -17.31
C ASP A 115 18.60 1.79 -17.07
N GLY A 116 17.89 0.68 -16.88
CA GLY A 116 16.44 0.72 -16.90
C GLY A 116 15.85 -0.18 -15.83
N ALA A 117 14.52 -0.26 -15.85
CA ALA A 117 13.81 -1.09 -14.88
C ALA A 117 12.44 -1.48 -15.43
N VAL A 118 12.04 -2.72 -15.13
CA VAL A 118 10.73 -3.26 -15.48
C VAL A 118 9.81 -3.09 -14.27
N MET A 119 8.71 -2.36 -14.44
CA MET A 119 7.87 -1.99 -13.30
C MET A 119 6.61 -2.83 -13.18
N ILE A 120 6.41 -3.83 -14.03
CA ILE A 120 5.18 -4.60 -14.07
C ILE A 120 5.49 -6.10 -14.11
N PRO A 121 4.51 -6.96 -13.85
CA PRO A 121 4.76 -8.41 -13.89
C PRO A 121 4.92 -8.93 -15.32
N THR A 122 5.42 -10.18 -15.39
CA THR A 122 5.82 -10.74 -16.69
C THR A 122 4.67 -10.75 -17.70
N VAL A 123 3.44 -11.03 -17.25
CA VAL A 123 2.35 -11.18 -18.21
C VAL A 123 2.07 -9.87 -18.93
N MET A 124 2.41 -8.73 -18.32
CA MET A 124 2.16 -7.44 -18.95
C MET A 124 3.25 -7.04 -19.93
N ILE A 125 4.39 -7.73 -19.95
CA ILE A 125 5.42 -7.40 -20.91
C ILE A 125 4.89 -7.60 -22.32
N GLY A 126 5.20 -6.64 -23.20
CA GLY A 126 4.73 -6.72 -24.56
C GLY A 126 3.34 -6.19 -24.79
N THR A 127 2.82 -5.39 -23.87
CA THR A 127 1.49 -4.79 -23.98
C THR A 127 1.59 -3.27 -23.92
N PRO A 128 0.57 -2.57 -24.40
CA PRO A 128 0.63 -1.10 -24.42
C PRO A 128 0.81 -0.47 -23.04
N ASP A 129 0.22 -1.07 -21.99
CA ASP A 129 0.20 -0.44 -20.68
C ASP A 129 1.46 -0.68 -19.86
N ALA A 130 2.34 -1.58 -20.29
CA ALA A 130 3.50 -1.94 -19.47
C ALA A 130 4.45 -0.75 -19.31
N LEU A 131 4.87 -0.51 -18.07
CA LEU A 131 5.75 0.58 -17.71
C LEU A 131 7.18 0.07 -17.52
N LEU A 132 8.12 0.69 -18.24
CA LEU A 132 9.55 0.45 -18.05
C LEU A 132 10.25 1.80 -18.04
N PHE A 133 11.21 1.98 -17.13
CA PHE A 133 12.01 3.19 -17.06
C PHE A 133 13.35 3.00 -17.74
N TYR A 134 13.88 4.09 -18.30
CA TYR A 134 15.23 4.12 -18.87
C TYR A 134 15.92 5.42 -18.49
N SER A 135 17.24 5.33 -18.30
CA SER A 135 18.08 6.51 -18.13
C SER A 135 19.43 6.25 -18.78
N GLY A 136 20.09 7.32 -19.19
CA GLY A 136 21.37 7.18 -19.86
C GLY A 136 21.40 7.79 -21.25
N ASP A 137 21.89 7.04 -22.23
CA ASP A 137 22.18 7.57 -23.58
C ASP A 137 20.86 7.84 -24.31
N LYS A 138 20.46 9.12 -24.38
CA LYS A 138 19.20 9.44 -25.04
C LYS A 138 19.25 9.20 -26.54
N ALA A 139 20.42 9.41 -27.17
CA ALA A 139 20.50 9.12 -28.60
C ALA A 139 20.23 7.65 -28.86
N ALA A 140 20.76 6.76 -28.02
CA ALA A 140 20.51 5.33 -28.18
C ALA A 140 19.04 4.99 -27.93
N TYR A 141 18.44 5.61 -26.92
CA TYR A 141 17.02 5.40 -26.66
C TYR A 141 16.18 5.81 -27.87
N ASP A 142 16.44 6.98 -28.43
CA ASP A 142 15.67 7.43 -29.58
C ASP A 142 15.86 6.51 -30.78
N LYS A 143 17.10 6.09 -31.03
CA LYS A 143 17.38 5.24 -32.19
C LYS A 143 16.63 3.92 -32.08
N HIS A 144 16.55 3.34 -30.88
CA HIS A 144 15.97 2.03 -30.68
C HIS A 144 14.64 2.08 -29.94
N GLU A 145 13.95 3.22 -29.98
CA GLU A 145 12.70 3.36 -29.25
C GLU A 145 11.68 2.32 -29.69
N GLY A 146 11.59 2.05 -31.00
CA GLY A 146 10.65 1.05 -31.47
C GLY A 146 10.94 -0.32 -30.91
N LEU A 147 12.21 -0.73 -30.96
CA LEU A 147 12.62 -2.00 -30.37
C LEU A 147 12.25 -2.05 -28.89
N LEU A 148 12.59 -1.00 -28.14
CA LEU A 148 12.31 -1.00 -26.71
C LEU A 148 10.80 -1.03 -26.44
N LYS A 149 10.01 -0.35 -27.26
CA LYS A 149 8.57 -0.34 -27.04
C LYS A 149 7.90 -1.68 -27.31
N SER A 150 8.58 -2.62 -27.97
CA SER A 150 7.99 -3.95 -28.03
C SER A 150 7.89 -4.59 -26.65
N LEU A 151 8.64 -4.09 -25.66
CA LEU A 151 8.52 -4.59 -24.29
C LEU A 151 7.37 -3.93 -23.54
N GLY A 152 7.07 -2.67 -23.85
CA GLY A 152 5.98 -1.99 -23.17
C GLY A 152 5.70 -0.63 -23.78
N GLY A 153 4.42 -0.30 -23.94
CA GLY A 153 4.06 0.97 -24.53
C GLY A 153 4.40 2.17 -23.66
N GLN A 154 4.39 1.99 -22.34
CA GLN A 154 4.76 3.06 -21.40
C GLN A 154 6.25 3.04 -21.07
N SER A 155 7.08 3.01 -22.09
CA SER A 155 8.51 3.15 -21.87
C SER A 155 8.81 4.61 -21.60
N ALA A 156 9.49 4.89 -20.48
CA ALA A 156 9.67 6.26 -20.00
C ALA A 156 11.15 6.53 -19.79
N TYR A 157 11.71 7.41 -20.61
CA TYR A 157 13.06 7.89 -20.39
C TYR A 157 13.01 9.05 -19.40
N VAL A 158 13.84 8.98 -18.36
CA VAL A 158 13.77 9.92 -17.24
C VAL A 158 15.01 10.78 -17.07
N GLY A 159 16.03 10.62 -17.91
CA GLY A 159 17.16 11.52 -17.84
C GLY A 159 18.46 10.83 -18.23
N ALA A 160 19.50 11.65 -18.36
CA ALA A 160 20.79 11.15 -18.83
C ALA A 160 21.63 10.54 -17.72
N ASP A 161 21.43 10.97 -16.47
CA ASP A 161 22.20 10.39 -15.38
C ASP A 161 21.88 8.91 -15.24
N HIS A 162 22.91 8.07 -15.22
CA HIS A 162 22.68 6.64 -15.33
C HIS A 162 21.99 6.03 -14.11
N GLY A 163 21.90 6.75 -13.00
CA GLY A 163 21.20 6.23 -11.83
C GLY A 163 19.73 6.59 -11.73
N LEU A 164 19.22 7.44 -12.64
CA LEU A 164 17.88 7.97 -12.44
C LEU A 164 16.80 6.90 -12.56
N ALA A 165 16.92 5.97 -13.51
CA ALA A 165 15.88 4.95 -13.62
C ALA A 165 15.79 4.14 -12.33
N ALA A 166 16.95 3.87 -11.70
CA ALA A 166 16.97 3.13 -10.45
C ALA A 166 16.33 3.91 -9.32
N VAL A 167 16.42 5.24 -9.34
CA VAL A 167 15.75 6.06 -8.34
C VAL A 167 14.24 5.90 -8.45
N TYR A 168 13.71 6.03 -9.66
CA TYR A 168 12.27 5.85 -9.85
C TYR A 168 11.84 4.44 -9.53
N ASP A 169 12.63 3.45 -9.97
CA ASP A 169 12.35 2.04 -9.73
C ASP A 169 12.24 1.74 -8.25
N LEU A 170 13.32 1.99 -7.49
CA LEU A 170 13.30 1.60 -6.08
C LEU A 170 12.27 2.39 -5.29
N SER A 171 12.03 3.65 -5.65
CA SER A 171 11.03 4.42 -4.92
C SER A 171 9.64 3.82 -5.08
N MET A 172 9.30 3.40 -6.31
CA MET A 172 8.02 2.76 -6.55
C MET A 172 7.94 1.38 -5.90
N LEU A 173 9.01 0.58 -6.01
CA LEU A 173 8.99 -0.74 -5.37
C LEU A 173 8.89 -0.63 -3.86
N ASP A 174 9.49 0.40 -3.27
CA ASP A 174 9.32 0.66 -1.84
C ASP A 174 7.83 0.72 -1.50
N PHE A 175 7.09 1.55 -2.23
CA PHE A 175 5.65 1.62 -2.04
C PHE A 175 5.00 0.27 -2.31
N LEU A 176 5.33 -0.37 -3.44
CA LEU A 176 4.60 -1.57 -3.85
C LEU A 176 4.82 -2.72 -2.87
N PHE A 177 6.07 -3.03 -2.55
CA PHE A 177 6.32 -4.16 -1.64
C PHE A 177 5.79 -3.88 -0.24
N THR A 178 5.93 -2.65 0.25
CA THR A 178 5.38 -2.34 1.56
C THR A 178 3.87 -2.53 1.57
N SER A 179 3.21 -2.09 0.48
CA SER A 179 1.77 -2.26 0.35
C SER A 179 1.38 -3.74 0.27
N MET A 180 2.11 -4.52 -0.54
CA MET A 180 1.83 -5.95 -0.62
C MET A 180 2.02 -6.64 0.72
N SER A 181 2.99 -6.18 1.52
CA SER A 181 3.16 -6.73 2.86
C SER A 181 1.91 -6.47 3.72
N GLY A 182 1.40 -5.24 3.67
CA GLY A 182 0.21 -4.90 4.44
C GLY A 182 -1.03 -5.61 3.95
N LEU A 183 -1.11 -5.89 2.65
CA LEU A 183 -2.26 -6.63 2.12
C LEU A 183 -2.30 -8.04 2.69
N VAL A 184 -1.18 -8.77 2.59
CA VAL A 184 -1.06 -10.09 3.20
C VAL A 184 -1.35 -10.02 4.70
N HIS A 185 -0.82 -9.00 5.38
CA HIS A 185 -0.95 -8.93 6.82
C HIS A 185 -2.38 -8.70 7.25
N GLY A 186 -3.08 -7.78 6.58
CA GLY A 186 -4.47 -7.52 6.91
C GLY A 186 -5.34 -8.75 6.68
N TYR A 187 -5.11 -9.47 5.58
CA TYR A 187 -5.83 -10.72 5.38
C TYR A 187 -5.52 -11.73 6.48
N ALA A 188 -4.25 -11.79 6.90
CA ALA A 188 -3.90 -12.71 7.98
C ALA A 188 -4.61 -12.34 9.28
N LEU A 189 -4.72 -11.05 9.57
CA LEU A 189 -5.43 -10.59 10.76
C LEU A 189 -6.90 -10.99 10.69
N ALA A 190 -7.54 -10.75 9.54
CA ALA A 190 -8.94 -11.12 9.38
C ALA A 190 -9.14 -12.63 9.55
N ALA A 191 -8.22 -13.42 9.01
CA ALA A 191 -8.35 -14.88 9.08
C ALA A 191 -8.24 -15.38 10.51
N LYS A 192 -7.42 -14.72 11.34
CA LYS A 192 -7.33 -15.12 12.74
C LYS A 192 -8.70 -15.06 13.42
N ASP A 193 -9.53 -14.12 13.01
CA ASP A 193 -10.88 -13.98 13.53
C ASP A 193 -11.94 -14.61 12.65
N GLY A 194 -11.54 -15.56 11.81
CA GLY A 194 -12.49 -16.34 11.04
C GLY A 194 -13.15 -15.64 9.89
N VAL A 195 -12.51 -14.62 9.33
CA VAL A 195 -13.05 -13.90 8.18
C VAL A 195 -12.20 -14.27 6.97
N PRO A 196 -12.76 -14.93 5.96
CA PRO A 196 -11.98 -15.26 4.77
C PRO A 196 -11.63 -14.00 4.01
N ALA A 197 -10.50 -14.06 3.30
CA ALA A 197 -10.07 -12.88 2.54
C ALA A 197 -11.08 -12.49 1.48
N ALA A 198 -11.82 -13.46 0.94
CA ALA A 198 -12.85 -13.17 -0.06
C ALA A 198 -13.90 -12.21 0.46
N SER A 199 -14.13 -12.19 1.77
CA SER A 199 -15.11 -11.27 2.33
C SER A 199 -14.57 -9.85 2.49
N ILE A 200 -13.24 -9.72 2.70
CA ILE A 200 -12.62 -8.41 2.85
C ILE A 200 -12.36 -7.77 1.49
N ALA A 201 -12.01 -8.59 0.50
CA ALA A 201 -11.49 -8.06 -0.77
C ALA A 201 -12.42 -7.05 -1.45
N PRO A 202 -13.73 -7.27 -1.55
CA PRO A 202 -14.56 -6.27 -2.24
C PRO A 202 -14.50 -4.91 -1.59
N PHE A 203 -14.41 -4.86 -0.26
CA PHE A 203 -14.38 -3.57 0.42
C PHE A 203 -13.05 -2.87 0.21
N LEU A 204 -11.96 -3.62 0.02
CA LEU A 204 -10.68 -2.98 -0.22
C LEU A 204 -10.65 -2.14 -1.49
N LYS A 205 -11.61 -2.33 -2.39
CA LYS A 205 -11.71 -1.41 -3.53
C LYS A 205 -11.80 0.03 -3.07
N SER A 206 -12.43 0.29 -1.91
CA SER A 206 -12.52 1.65 -1.38
C SER A 206 -11.15 2.19 -1.01
N HIS A 207 -10.28 1.32 -0.50
CA HIS A 207 -8.95 1.78 -0.11
C HIS A 207 -8.01 1.91 -1.30
N ILE A 208 -8.21 1.11 -2.34
CA ILE A 208 -7.50 1.34 -3.60
C ILE A 208 -7.82 2.73 -4.15
N SER A 209 -9.12 3.07 -4.20
CA SER A 209 -9.52 4.40 -4.66
C SER A 209 -8.92 5.49 -3.79
N LEU A 210 -8.90 5.26 -2.47
CA LEU A 210 -8.30 6.23 -1.56
C LEU A 210 -6.81 6.39 -1.83
N LEU A 211 -6.11 5.27 -2.05
CA LEU A 211 -4.69 5.36 -2.35
C LEU A 211 -4.42 6.21 -3.59
N SER A 212 -5.27 6.11 -4.61
CA SER A 212 -5.09 6.96 -5.79
C SER A 212 -5.10 8.43 -5.43
N LEU A 213 -6.04 8.83 -4.57
CA LEU A 213 -6.07 10.22 -4.12
C LEU A 213 -4.84 10.55 -3.29
N ALA A 214 -4.44 9.63 -2.40
CA ALA A 214 -3.30 9.90 -1.52
C ALA A 214 -1.99 10.01 -2.30
N VAL A 215 -1.85 9.28 -3.40
CA VAL A 215 -0.67 9.45 -4.27
C VAL A 215 -0.45 10.93 -4.56
N GLU A 216 -1.51 11.62 -4.99
CA GLU A 216 -1.35 13.02 -5.39
C GLU A 216 -1.17 13.94 -4.19
N GLU A 217 -2.01 13.80 -3.16
CA GLU A 217 -1.93 14.70 -2.02
C GLU A 217 -0.63 14.54 -1.27
N THR A 218 -0.19 13.29 -1.04
CA THR A 218 1.06 13.06 -0.34
C THR A 218 2.25 13.64 -1.11
N ALA A 219 2.23 13.51 -2.44
CA ALA A 219 3.30 14.09 -3.25
C ALA A 219 3.38 15.59 -3.05
N LYS A 220 2.24 16.27 -3.13
CA LYS A 220 2.24 17.72 -2.95
C LYS A 220 2.71 18.11 -1.56
N ASN A 221 2.23 17.39 -0.54
CA ASN A 221 2.62 17.71 0.84
C ASN A 221 4.12 17.57 1.03
N LEU A 222 4.70 16.46 0.54
CA LEU A 222 6.12 16.22 0.78
C LEU A 222 6.98 17.22 0.03
N ASP A 223 6.61 17.54 -1.21
CA ASP A 223 7.39 18.54 -1.96
C ASP A 223 7.32 19.90 -1.29
N GLU A 224 6.14 20.26 -0.76
CA GLU A 224 5.94 21.55 -0.12
C GLU A 224 6.55 21.60 1.29
N GLY A 225 6.60 20.48 1.98
CA GLY A 225 6.93 20.51 3.39
C GLY A 225 5.79 20.99 4.25
N ALA A 226 4.56 20.79 3.80
CA ALA A 226 3.36 21.19 4.54
C ALA A 226 2.46 19.98 4.70
N TYR A 227 1.95 19.77 5.91
CA TYR A 227 1.27 18.53 6.28
C TYR A 227 -0.05 18.84 6.98
N PRO A 228 -1.04 19.35 6.25
CA PRO A 228 -2.26 19.87 6.91
C PRO A 228 -3.13 18.76 7.48
N GLY A 229 -3.26 18.75 8.81
CA GLY A 229 -3.92 17.65 9.49
C GLY A 229 -5.31 17.89 10.04
N ALA A 230 -5.98 19.00 9.69
CA ALA A 230 -7.25 19.30 10.35
C ALA A 230 -8.26 18.16 10.22
N GLU A 231 -8.29 17.50 9.06
CA GLU A 231 -9.31 16.48 8.81
C GLU A 231 -8.90 15.07 9.23
N ALA A 232 -7.64 14.86 9.58
CA ALA A 232 -7.18 13.56 10.05
C ALA A 232 -5.78 13.75 10.62
N ASN A 233 -5.68 13.82 11.94
CA ASN A 233 -4.40 14.15 12.53
C ASN A 233 -3.58 12.91 12.89
N LEU A 234 -2.26 13.12 12.98
CA LEU A 234 -1.33 12.01 13.15
C LEU A 234 -1.47 11.36 14.53
N ALA A 235 -1.76 12.15 15.57
CA ALA A 235 -1.94 11.56 16.89
C ALA A 235 -3.09 10.56 16.87
N MET A 236 -4.19 10.90 16.21
CA MET A 236 -5.29 9.96 16.06
C MET A 236 -4.85 8.72 15.28
N ALA A 237 -4.04 8.92 14.24
CA ALA A 237 -3.60 7.80 13.42
C ALA A 237 -2.69 6.86 14.20
N VAL A 238 -1.81 7.41 15.04
CA VAL A 238 -0.96 6.57 15.88
C VAL A 238 -1.79 5.68 16.79
N GLU A 239 -2.82 6.25 17.43
CA GLU A 239 -3.71 5.43 18.24
C GLU A 239 -4.36 4.33 17.42
N GLY A 240 -4.83 4.67 16.22
CA GLY A 240 -5.42 3.66 15.36
C GLY A 240 -4.46 2.54 15.04
N ILE A 241 -3.22 2.87 14.70
CA ILE A 241 -2.21 1.87 14.37
C ILE A 241 -1.89 1.02 15.58
N GLU A 242 -1.82 1.63 16.77
CA GLU A 242 -1.52 0.83 17.96
C GLU A 242 -2.60 -0.22 18.22
N HIS A 243 -3.87 0.10 17.93
CA HIS A 243 -4.92 -0.91 18.08
C HIS A 243 -4.67 -2.10 17.18
N ILE A 244 -4.27 -1.85 15.92
CA ILE A 244 -3.96 -2.93 15.00
C ILE A 244 -2.76 -3.72 15.49
N LEU A 245 -1.70 -3.00 15.85
CA LEU A 245 -0.47 -3.64 16.34
C LEU A 245 -0.75 -4.59 17.49
N HIS A 246 -1.46 -4.11 18.51
CA HIS A 246 -1.68 -4.94 19.69
C HIS A 246 -2.64 -6.09 19.38
N ALA A 247 -3.64 -5.86 18.53
CA ALA A 247 -4.55 -6.92 18.14
C ALA A 247 -3.82 -8.03 17.40
N ALA A 248 -2.98 -7.66 16.45
CA ALA A 248 -2.22 -8.67 15.69
C ALA A 248 -1.25 -9.41 16.60
N GLU A 249 -0.64 -8.69 17.55
CA GLU A 249 0.30 -9.32 18.47
C GLU A 249 -0.41 -10.37 19.32
N ARG A 250 -1.60 -10.04 19.83
CA ARG A 250 -2.36 -10.97 20.67
C ARG A 250 -2.75 -12.22 19.88
N ARG A 251 -2.86 -12.09 18.56
CA ARG A 251 -3.22 -13.20 17.69
C ARG A 251 -2.00 -13.96 17.18
N GLY A 252 -0.81 -13.65 17.69
CA GLY A 252 0.38 -14.41 17.35
C GLY A 252 0.96 -14.13 15.99
N LEU A 253 0.62 -13.01 15.36
CA LEU A 253 1.21 -12.66 14.09
C LEU A 253 2.52 -11.90 14.29
N ASP A 254 3.42 -12.04 13.33
CA ASP A 254 4.56 -11.15 13.27
C ASP A 254 4.03 -9.73 13.13
N VAL A 255 4.58 -8.80 13.91
CA VAL A 255 4.14 -7.41 13.85
C VAL A 255 5.31 -6.45 13.63
N SER A 256 6.42 -6.96 13.08
CA SER A 256 7.57 -6.10 12.85
C SER A 256 7.22 -4.91 11.95
N VAL A 257 6.39 -5.14 10.93
CA VAL A 257 6.05 -4.05 10.01
C VAL A 257 5.21 -3.00 10.72
N LEU A 258 4.13 -3.43 11.39
CA LEU A 258 3.28 -2.46 12.10
C LEU A 258 4.07 -1.71 13.16
N ARG A 259 4.98 -2.40 13.87
CA ARG A 259 5.78 -1.71 14.86
C ARG A 259 6.63 -0.63 14.21
N GLY A 260 7.17 -0.91 13.02
CA GLY A 260 7.91 0.12 12.29
C GLY A 260 7.01 1.27 11.84
N VAL A 261 5.84 0.95 11.28
CA VAL A 261 4.89 1.99 10.89
C VAL A 261 4.59 2.89 12.08
N ARG A 262 4.27 2.27 13.22
CA ARG A 262 3.94 3.01 14.41
C ARG A 262 5.13 3.83 14.90
N ASP A 263 6.32 3.21 14.94
CA ASP A 263 7.48 3.89 15.48
C ASP A 263 7.85 5.12 14.66
N VAL A 264 7.82 5.02 13.33
CA VAL A 264 8.10 6.19 12.50
C VAL A 264 7.08 7.28 12.73
N ALA A 265 5.80 6.90 12.83
CA ALA A 265 4.74 7.89 13.04
C ALA A 265 4.89 8.55 14.41
N GLN A 266 5.12 7.76 15.46
CA GLN A 266 5.30 8.34 16.78
C GLN A 266 6.54 9.23 16.82
N ARG A 267 7.60 8.88 16.09
CA ARG A 267 8.77 9.76 16.03
C ARG A 267 8.39 11.13 15.48
N ALA A 268 7.58 11.15 14.42
CA ALA A 268 7.11 12.43 13.89
C ALA A 268 6.27 13.19 14.91
N VAL A 269 5.46 12.47 15.70
CA VAL A 269 4.74 13.13 16.80
C VAL A 269 5.72 13.73 17.80
N ASP A 270 6.78 12.98 18.13
CA ASP A 270 7.78 13.50 19.06
C ASP A 270 8.45 14.75 18.51
N LEU A 271 8.57 14.85 17.20
CA LEU A 271 9.18 16.01 16.55
C LEU A 271 8.21 17.16 16.39
N GLY A 272 6.99 17.04 16.92
CA GLY A 272 6.04 18.13 16.96
C GLY A 272 4.85 18.05 16.00
N HIS A 273 4.58 16.89 15.41
CA HIS A 273 3.65 16.82 14.28
C HIS A 273 2.34 16.14 14.62
N GLY A 274 1.98 16.04 15.90
CA GLY A 274 0.76 15.33 16.29
C GLY A 274 -0.52 15.91 15.70
N ALA A 275 -0.52 17.20 15.36
CA ALA A 275 -1.70 17.81 14.77
C ALA A 275 -1.68 17.84 13.25
N ASP A 276 -0.58 17.40 12.65
CA ASP A 276 -0.42 17.38 11.20
C ASP A 276 -0.99 16.09 10.63
N SER A 277 -1.00 16.00 9.30
CA SER A 277 -1.51 14.82 8.61
C SER A 277 -0.46 13.72 8.56
N TRP A 278 -0.88 12.58 8.01
CA TRP A 278 0.03 11.45 7.82
C TRP A 278 1.28 11.83 7.05
N SER A 279 1.18 12.81 6.15
CA SER A 279 2.36 13.19 5.37
C SER A 279 3.51 13.63 6.26
N ALA A 280 3.22 14.15 7.45
CA ALA A 280 4.28 14.57 8.36
C ALA A 280 5.13 13.41 8.82
N THR A 281 4.69 12.16 8.63
CA THR A 281 5.54 11.04 8.99
C THR A 281 6.84 11.03 8.19
N VAL A 282 6.90 11.75 7.07
CA VAL A 282 8.17 11.86 6.36
C VAL A 282 9.25 12.42 7.27
N GLU A 283 8.87 13.27 8.24
CA GLU A 283 9.84 13.80 9.18
C GLU A 283 10.38 12.72 10.10
N GLY A 284 9.56 11.74 10.47
CA GLY A 284 10.06 10.62 11.26
C GLY A 284 10.96 9.71 10.45
N ALA A 285 10.64 9.53 9.16
CA ALA A 285 11.48 8.71 8.31
C ALA A 285 12.84 9.36 8.05
N ARG A 286 12.87 10.69 7.94
CA ARG A 286 14.11 11.40 7.67
C ARG A 286 14.94 11.65 8.91
N ASN A 287 14.31 11.70 10.08
CA ASN A 287 14.99 12.08 11.32
C ASN A 287 14.73 11.02 12.40
N PRO A 288 15.16 9.79 12.16
CA PRO A 288 14.99 8.74 13.18
C PRO A 288 15.80 9.06 14.43
N ALA A 289 15.36 8.50 15.55
CA ALA A 289 16.11 8.55 16.78
C ALA A 289 17.40 7.73 16.62
N THR B 1 -42.20 13.73 12.01
CA THR B 1 -40.94 14.42 11.78
C THR B 1 -39.78 13.40 11.68
N LEU B 2 -38.60 13.87 11.29
CA LEU B 2 -37.48 12.97 11.05
C LEU B 2 -36.81 12.55 12.35
N THR B 3 -36.19 11.38 12.32
CA THR B 3 -35.63 10.80 13.53
C THR B 3 -34.56 11.73 14.12
N PRO B 4 -34.67 12.10 15.39
CA PRO B 4 -33.63 12.95 16.00
C PRO B 4 -32.41 12.12 16.35
N VAL B 5 -31.24 12.67 16.06
CA VAL B 5 -29.98 11.98 16.26
C VAL B 5 -29.06 12.84 17.12
N THR B 6 -28.16 12.17 17.84
CA THR B 6 -27.15 12.82 18.67
C THR B 6 -25.78 12.34 18.22
N VAL B 7 -24.82 13.26 18.15
CA VAL B 7 -23.43 12.92 17.85
C VAL B 7 -22.58 13.28 19.06
N ILE B 8 -21.87 12.28 19.59
CA ILE B 8 -20.95 12.45 20.72
C ILE B 8 -19.54 12.37 20.16
N GLY B 9 -18.81 13.48 20.27
CA GLY B 9 -17.47 13.60 19.72
C GLY B 9 -17.47 14.53 18.53
N LEU B 10 -16.77 15.66 18.65
CA LEU B 10 -16.68 16.67 17.61
C LEU B 10 -15.24 16.85 17.14
N GLY B 11 -14.52 15.75 17.03
CA GLY B 11 -13.29 15.75 16.26
C GLY B 11 -13.62 15.86 14.78
N ALA B 12 -12.61 15.60 13.94
CA ALA B 12 -12.81 15.72 12.51
C ALA B 12 -13.95 14.82 12.01
N MET B 13 -13.98 13.56 12.46
CA MET B 13 -14.98 12.65 11.91
C MET B 13 -16.35 12.87 12.53
N GLY B 14 -16.42 13.11 13.85
CA GLY B 14 -17.71 13.43 14.44
C GLY B 14 -18.37 14.64 13.79
N GLN B 15 -17.57 15.67 13.48
CA GLN B 15 -18.12 16.82 12.78
C GLN B 15 -18.66 16.45 11.42
N ALA B 16 -17.94 15.58 10.70
CA ALA B 16 -18.40 15.17 9.38
C ALA B 16 -19.70 14.38 9.48
N LEU B 17 -19.81 13.49 10.46
CA LEU B 17 -21.04 12.72 10.64
C LEU B 17 -22.20 13.66 10.95
N ALA B 18 -22.01 14.58 11.90
CA ALA B 18 -23.08 15.51 12.24
C ALA B 18 -23.49 16.35 11.04
N GLY B 19 -22.53 16.78 10.22
CA GLY B 19 -22.86 17.57 9.04
C GLY B 19 -23.72 16.80 8.05
N ALA B 20 -23.45 15.50 7.90
CA ALA B 20 -24.25 14.69 6.97
C ALA B 20 -25.65 14.47 7.52
N PHE B 21 -25.78 14.26 8.83
CA PHE B 21 -27.12 14.15 9.41
C PHE B 21 -27.91 15.44 9.19
N LEU B 22 -27.27 16.60 9.38
CA LEU B 22 -27.93 17.88 9.14
C LEU B 22 -28.33 18.04 7.68
N LYS B 23 -27.44 17.68 6.76
CA LYS B 23 -27.75 17.81 5.34
C LYS B 23 -29.01 17.04 4.98
N ALA B 24 -29.24 15.90 5.63
CA ALA B 24 -30.40 15.07 5.36
C ALA B 24 -31.65 15.53 6.11
N GLY B 25 -31.55 16.58 6.92
CA GLY B 25 -32.70 17.13 7.61
C GLY B 25 -33.03 16.49 8.95
N HIS B 26 -32.15 15.69 9.50
CA HIS B 26 -32.43 15.14 10.81
C HIS B 26 -32.14 16.18 11.88
N PRO B 27 -33.05 16.38 12.83
CA PRO B 27 -32.68 17.14 14.03
C PRO B 27 -31.43 16.52 14.63
N THR B 28 -30.43 17.35 14.89
CA THR B 28 -29.10 16.87 15.27
C THR B 28 -28.63 17.63 16.50
N THR B 29 -28.32 16.90 17.56
CA THR B 29 -27.76 17.45 18.78
C THR B 29 -26.31 16.97 18.90
N ILE B 30 -25.42 17.86 19.32
CA ILE B 30 -23.99 17.57 19.35
C ILE B 30 -23.41 17.84 20.74
N TRP B 31 -22.36 17.10 21.08
CA TRP B 31 -21.63 17.36 22.31
C TRP B 31 -20.19 16.92 22.14
N ASN B 32 -19.27 17.67 22.76
CA ASN B 32 -17.86 17.32 22.78
C ASN B 32 -17.29 17.66 24.15
N ARG B 33 -16.31 16.87 24.59
CA ARG B 33 -15.70 17.11 25.89
C ARG B 33 -15.12 18.52 25.97
N SER B 34 -14.29 18.89 25.00
CA SER B 34 -13.61 20.19 25.02
C SER B 34 -14.47 21.23 24.30
N PRO B 35 -14.51 22.45 24.81
CA PRO B 35 -15.38 23.48 24.22
C PRO B 35 -14.78 24.06 22.95
N GLY B 36 -15.66 24.68 22.17
CA GLY B 36 -15.23 25.43 21.00
C GLY B 36 -15.13 24.65 19.71
N LYS B 37 -15.68 23.44 19.65
CA LYS B 37 -15.59 22.61 18.46
C LYS B 37 -16.94 22.55 17.76
N GLY B 38 -16.91 22.55 16.44
CA GLY B 38 -18.12 22.34 15.66
C GLY B 38 -19.10 23.49 15.66
N GLU B 39 -18.64 24.72 15.87
CA GLU B 39 -19.57 25.86 15.88
C GLU B 39 -20.26 26.04 14.53
N ASP B 40 -19.60 25.65 13.43
CA ASP B 40 -20.27 25.73 12.14
C ASP B 40 -21.46 24.77 12.04
N LEU B 41 -21.48 23.70 12.82
CA LEU B 41 -22.64 22.83 12.87
C LEU B 41 -23.82 23.54 13.51
N VAL B 42 -23.58 24.29 14.58
CA VAL B 42 -24.64 25.09 15.19
C VAL B 42 -25.16 26.12 14.20
N ALA B 43 -24.27 26.77 13.46
CA ALA B 43 -24.72 27.73 12.46
C ALA B 43 -25.61 27.07 11.40
N ARG B 44 -25.33 25.81 11.07
CA ARG B 44 -26.13 25.08 10.10
C ARG B 44 -27.40 24.47 10.70
N GLY B 45 -27.62 24.57 12.01
CA GLY B 45 -28.87 24.13 12.60
C GLY B 45 -28.74 23.10 13.71
N ALA B 46 -27.54 22.62 14.03
CA ALA B 46 -27.41 21.67 15.13
C ALA B 46 -27.63 22.36 16.46
N THR B 47 -28.10 21.59 17.45
CA THR B 47 -28.24 22.06 18.82
C THR B 47 -27.06 21.54 19.63
N ARG B 48 -26.36 22.43 20.32
CA ARG B 48 -25.24 22.04 21.17
C ARG B 48 -25.76 21.74 22.58
N ALA B 49 -25.55 20.51 23.04
CA ALA B 49 -25.95 20.11 24.38
C ALA B 49 -24.83 20.43 25.38
N ALA B 50 -25.24 20.80 26.60
CA ALA B 50 -24.25 21.18 27.61
C ALA B 50 -23.55 19.97 28.23
N THR B 51 -24.23 18.83 28.31
CA THR B 51 -23.66 17.64 28.94
C THR B 51 -23.98 16.44 28.08
N PRO B 52 -23.23 15.34 28.24
CA PRO B 52 -23.56 14.14 27.46
C PRO B 52 -24.93 13.57 27.78
N ALA B 53 -25.35 13.64 29.05
CA ALA B 53 -26.70 13.20 29.40
C ALA B 53 -27.76 13.98 28.64
N GLU B 54 -27.65 15.30 28.63
CA GLU B 54 -28.59 16.10 27.85
C GLU B 54 -28.51 15.74 26.36
N ALA B 55 -27.29 15.54 25.85
CA ALA B 55 -27.15 15.23 24.43
C ALA B 55 -27.91 13.96 24.06
N VAL B 56 -27.70 12.89 24.83
CA VAL B 56 -28.36 11.63 24.47
C VAL B 56 -29.88 11.71 24.67
N ARG B 57 -30.34 12.48 25.66
CA ARG B 57 -31.77 12.59 25.84
C ARG B 57 -32.46 13.23 24.64
N ALA B 58 -31.71 13.91 23.78
CA ALA B 58 -32.28 14.55 22.60
C ALA B 58 -32.27 13.67 21.36
N GLY B 59 -31.74 12.47 21.43
CA GLY B 59 -31.60 11.60 20.26
C GLY B 59 -32.28 10.27 20.45
N GLU B 60 -32.98 9.81 19.40
CA GLU B 60 -33.45 8.43 19.38
C GLU B 60 -32.32 7.48 18.99
N VAL B 61 -31.33 7.99 18.26
CA VAL B 61 -30.13 7.26 17.90
C VAL B 61 -28.96 8.12 18.35
N VAL B 62 -27.97 7.49 18.99
CA VAL B 62 -26.80 8.16 19.54
C VAL B 62 -25.58 7.62 18.80
N VAL B 63 -24.85 8.50 18.10
CA VAL B 63 -23.67 8.10 17.33
C VAL B 63 -22.43 8.64 18.03
N VAL B 64 -21.52 7.73 18.40
CA VAL B 64 -20.29 8.08 19.12
C VAL B 64 -19.10 7.94 18.18
N CYS B 65 -18.23 8.95 18.17
CA CYS B 65 -17.03 8.91 17.33
C CYS B 65 -15.91 9.67 18.06
N VAL B 66 -15.15 8.92 18.86
CA VAL B 66 -14.04 9.50 19.62
C VAL B 66 -12.78 8.70 19.32
N VAL B 67 -11.71 8.92 20.09
CA VAL B 67 -10.40 8.38 19.70
C VAL B 67 -10.25 6.88 20.02
N ASP B 68 -10.89 6.38 21.08
CA ASP B 68 -10.76 4.98 21.45
C ASP B 68 -11.88 4.63 22.41
N TYR B 69 -11.97 3.35 22.78
CA TYR B 69 -13.04 2.90 23.67
C TYR B 69 -12.80 3.24 25.13
N GLU B 70 -11.55 3.45 25.55
CA GLU B 70 -11.37 4.07 26.86
C GLU B 70 -12.14 5.37 26.92
N ALA B 71 -12.04 6.18 25.85
CA ALA B 71 -12.76 7.44 25.82
C ALA B 71 -14.27 7.22 25.74
N SER B 72 -14.74 6.38 24.81
CA SER B 72 -16.18 6.24 24.61
C SER B 72 -16.86 5.67 25.83
N GLN B 73 -16.27 4.66 26.45
CA GLN B 73 -16.93 4.07 27.60
C GLN B 73 -16.89 5.01 28.81
N SER B 74 -15.85 5.84 28.91
CA SER B 74 -15.82 6.82 29.99
C SER B 74 -16.95 7.84 29.86
N ILE B 75 -17.37 8.15 28.63
CA ILE B 75 -18.52 9.02 28.43
C ILE B 75 -19.81 8.27 28.70
N LEU B 76 -19.92 7.05 28.18
CA LEU B 76 -21.21 6.37 28.11
C LEU B 76 -21.61 5.72 29.43
N GLU B 77 -20.65 5.18 30.17
CA GLU B 77 -21.00 4.45 31.39
C GLU B 77 -21.75 5.30 32.39
N PRO B 78 -21.34 6.53 32.72
CA PRO B 78 -22.09 7.33 33.68
C PRO B 78 -23.51 7.67 33.23
N ILE B 79 -23.82 7.57 31.95
CA ILE B 79 -25.12 7.97 31.44
C ILE B 79 -25.94 6.78 30.96
N ALA B 80 -25.65 5.58 31.46
CA ALA B 80 -26.40 4.39 31.05
C ALA B 80 -27.91 4.57 31.24
N ALA B 81 -28.32 5.18 32.36
CA ALA B 81 -29.75 5.34 32.62
C ALA B 81 -30.42 6.14 31.52
N ASP B 82 -29.73 7.13 30.98
CA ASP B 82 -30.32 7.96 29.93
C ASP B 82 -30.25 7.31 28.55
N LEU B 83 -29.40 6.29 28.38
CA LEU B 83 -29.29 5.59 27.11
C LEU B 83 -30.36 4.52 26.93
N ALA B 84 -30.86 3.94 28.02
CA ALA B 84 -31.85 2.87 27.89
C ALA B 84 -33.00 3.30 26.98
N GLY B 85 -33.39 2.42 26.07
CA GLY B 85 -34.42 2.75 25.12
C GLY B 85 -33.89 3.16 23.76
N ARG B 86 -32.82 3.96 23.76
CA ARG B 86 -32.26 4.52 22.55
C ARG B 86 -31.36 3.51 21.84
N VAL B 87 -31.04 3.79 20.58
CA VAL B 87 -30.10 2.97 19.82
C VAL B 87 -28.74 3.63 19.89
N LEU B 88 -27.74 2.87 20.34
CA LEU B 88 -26.38 3.37 20.48
C LEU B 88 -25.53 2.80 19.35
N VAL B 89 -24.83 3.68 18.63
CA VAL B 89 -23.98 3.35 17.49
C VAL B 89 -22.61 3.93 17.77
N ASN B 90 -21.60 3.08 17.95
CA ASN B 90 -20.24 3.55 18.22
C ASN B 90 -19.39 3.21 17.00
N VAL B 91 -18.92 4.25 16.30
CA VAL B 91 -18.10 4.07 15.11
C VAL B 91 -16.63 4.43 15.37
N THR B 92 -16.23 4.54 16.64
CA THR B 92 -14.82 4.67 17.00
C THR B 92 -14.06 3.43 16.53
N SER B 93 -12.87 3.64 15.96
CA SER B 93 -12.04 2.51 15.54
C SER B 93 -11.25 1.96 16.72
N ASP B 94 -11.40 0.66 17.00
CA ASP B 94 -10.66 0.03 18.09
C ASP B 94 -10.72 -1.48 17.88
N ALA B 95 -10.14 -2.23 18.84
CA ALA B 95 -9.96 -3.67 18.70
C ALA B 95 -11.28 -4.42 18.90
N PRO B 96 -11.42 -5.59 18.25
CA PRO B 96 -12.66 -6.38 18.44
C PRO B 96 -12.98 -6.66 19.90
N GLU B 97 -11.95 -6.86 20.74
CA GLU B 97 -12.17 -7.11 22.16
C GLU B 97 -12.89 -5.95 22.82
N ARG B 98 -12.52 -4.71 22.47
CA ARG B 98 -13.20 -3.56 23.05
C ARG B 98 -14.64 -3.49 22.59
N ALA B 99 -14.89 -3.81 21.32
CA ALA B 99 -16.25 -3.78 20.79
C ALA B 99 -17.13 -4.83 21.46
N ARG B 100 -16.58 -6.01 21.72
CA ARG B 100 -17.38 -7.05 22.36
C ARG B 100 -17.67 -6.70 23.81
N GLU B 101 -16.69 -6.11 24.51
CA GLU B 101 -16.92 -5.66 25.87
C GLU B 101 -18.01 -4.58 25.91
N ALA B 102 -17.94 -3.63 24.98
CA ALA B 102 -18.95 -2.58 24.91
C ALA B 102 -20.32 -3.14 24.56
N GLY B 103 -20.36 -4.14 23.68
CA GLY B 103 -21.64 -4.72 23.31
C GLY B 103 -22.27 -5.48 24.46
N GLU B 104 -21.44 -6.20 25.23
CA GLU B 104 -21.93 -6.88 26.42
C GLU B 104 -22.49 -5.88 27.43
N TRP B 105 -21.75 -4.79 27.68
CA TRP B 105 -22.22 -3.75 28.58
C TRP B 105 -23.57 -3.18 28.11
N ALA B 106 -23.68 -2.88 26.81
CA ALA B 106 -24.93 -2.33 26.30
C ALA B 106 -26.09 -3.31 26.48
N ALA B 107 -25.87 -4.58 26.13
CA ALA B 107 -26.93 -5.58 26.27
C ALA B 107 -27.37 -5.71 27.72
N GLU B 108 -26.41 -5.73 28.66
CA GLU B 108 -26.75 -5.83 30.07
C GLU B 108 -27.48 -4.61 30.59
N HIS B 109 -27.44 -3.49 29.85
CA HIS B 109 -28.19 -2.29 30.19
C HIS B 109 -29.39 -2.08 29.28
N ASP B 110 -29.75 -3.08 28.47
CA ASP B 110 -30.94 -3.01 27.62
C ASP B 110 -30.85 -1.92 26.56
N ILE B 111 -29.63 -1.61 26.13
CA ILE B 111 -29.37 -0.60 25.12
C ILE B 111 -29.14 -1.33 23.80
N ALA B 112 -30.00 -1.08 22.81
CA ALA B 112 -29.78 -1.65 21.49
C ALA B 112 -28.50 -1.07 20.91
N TYR B 113 -27.63 -1.93 20.37
CA TYR B 113 -26.25 -1.56 20.13
C TYR B 113 -25.77 -1.98 18.75
N LEU B 114 -25.18 -1.04 18.03
CA LEU B 114 -24.44 -1.31 16.81
C LEU B 114 -23.01 -0.85 17.00
N ASP B 115 -22.06 -1.72 16.68
CA ASP B 115 -20.65 -1.37 16.69
C ASP B 115 -20.21 -1.24 15.24
N GLY B 116 -19.60 -0.11 14.91
CA GLY B 116 -19.26 0.12 13.52
C GLY B 116 -17.91 0.78 13.30
N ALA B 117 -17.65 1.15 12.05
CA ALA B 117 -16.39 1.78 11.72
C ALA B 117 -16.54 2.58 10.45
N VAL B 118 -15.87 3.73 10.40
CA VAL B 118 -15.82 4.59 9.22
C VAL B 118 -14.54 4.26 8.48
N MET B 119 -14.66 3.91 7.20
CA MET B 119 -13.51 3.37 6.46
C MET B 119 -12.87 4.38 5.53
N ILE B 120 -13.41 5.60 5.45
CA ILE B 120 -12.93 6.59 4.49
C ILE B 120 -12.75 7.95 5.15
N PRO B 121 -12.10 8.91 4.49
CA PRO B 121 -11.88 10.23 5.09
C PRO B 121 -13.14 11.07 5.12
N THR B 122 -13.06 12.18 5.87
CA THR B 122 -14.24 12.99 6.13
C THR B 122 -14.88 13.52 4.85
N VAL B 123 -14.07 13.84 3.83
CA VAL B 123 -14.63 14.42 2.62
C VAL B 123 -15.61 13.48 1.94
N MET B 124 -15.52 12.17 2.21
CA MET B 124 -16.39 11.19 1.56
C MET B 124 -17.67 10.91 2.33
N ILE B 125 -17.77 11.39 3.58
CA ILE B 125 -19.00 11.22 4.35
C ILE B 125 -20.15 11.95 3.67
N GLY B 126 -21.31 11.31 3.64
CA GLY B 126 -22.46 11.88 2.97
C GLY B 126 -22.48 11.72 1.47
N THR B 127 -21.55 10.94 0.91
CA THR B 127 -21.42 10.77 -0.53
C THR B 127 -21.52 9.30 -0.93
N PRO B 128 -21.56 9.01 -2.24
CA PRO B 128 -21.60 7.61 -2.69
C PRO B 128 -20.29 6.85 -2.50
N ASP B 129 -19.19 7.53 -2.18
CA ASP B 129 -17.92 6.85 -1.92
C ASP B 129 -17.74 6.49 -0.46
N ALA B 130 -18.73 6.76 0.38
CA ALA B 130 -18.61 6.40 1.78
C ALA B 130 -18.72 4.90 1.96
N LEU B 131 -17.98 4.38 2.95
CA LEU B 131 -18.07 2.99 3.37
C LEU B 131 -18.04 3.01 4.89
N LEU B 132 -19.08 2.45 5.50
CA LEU B 132 -19.12 2.21 6.94
C LEU B 132 -19.57 0.78 7.18
N PHE B 133 -18.97 0.13 8.18
CA PHE B 133 -19.38 -1.20 8.65
C PHE B 133 -20.18 -1.09 9.92
N TYR B 134 -21.11 -2.04 10.12
CA TYR B 134 -21.86 -2.17 11.37
C TYR B 134 -22.03 -3.65 11.71
N SER B 135 -22.00 -3.95 13.00
CA SER B 135 -22.33 -5.28 13.49
C SER B 135 -23.07 -5.14 14.80
N GLY B 136 -23.86 -6.16 15.13
CA GLY B 136 -24.66 -6.10 16.34
C GLY B 136 -26.14 -6.27 16.04
N ASP B 137 -26.97 -5.40 16.60
CA ASP B 137 -28.42 -5.62 16.60
C ASP B 137 -29.01 -5.39 15.21
N LYS B 138 -29.39 -6.46 14.53
CA LYS B 138 -29.91 -6.32 13.18
C LYS B 138 -31.24 -5.56 13.17
N ALA B 139 -32.07 -5.75 14.19
CA ALA B 139 -33.35 -5.05 14.21
C ALA B 139 -33.15 -3.54 14.28
N ALA B 140 -32.18 -3.09 15.09
CA ALA B 140 -31.90 -1.66 15.17
C ALA B 140 -31.32 -1.13 13.86
N TYR B 141 -30.43 -1.89 13.23
CA TYR B 141 -29.91 -1.49 11.93
C TYR B 141 -31.04 -1.35 10.93
N ASP B 142 -31.93 -2.35 10.83
CA ASP B 142 -33.00 -2.30 9.85
C ASP B 142 -33.94 -1.13 10.12
N LYS B 143 -34.25 -0.87 11.40
CA LYS B 143 -35.17 0.22 11.74
C LYS B 143 -34.60 1.56 11.32
N HIS B 144 -33.29 1.76 11.51
CA HIS B 144 -32.67 3.05 11.26
C HIS B 144 -31.78 3.05 10.03
N GLU B 145 -32.03 2.14 9.09
CA GLU B 145 -31.15 2.05 7.92
C GLU B 145 -31.15 3.36 7.14
N GLY B 146 -32.33 3.97 6.97
CA GLY B 146 -32.39 5.24 6.26
C GLY B 146 -31.55 6.32 6.92
N LEU B 147 -31.64 6.45 8.24
CA LEU B 147 -30.80 7.41 8.95
C LEU B 147 -29.32 7.13 8.71
N LEU B 148 -28.92 5.87 8.88
CA LEU B 148 -27.51 5.54 8.69
C LEU B 148 -27.06 5.74 7.25
N LYS B 149 -27.94 5.48 6.28
CA LYS B 149 -27.58 5.66 4.89
C LYS B 149 -27.42 7.12 4.49
N SER B 150 -27.88 8.07 5.31
CA SER B 150 -27.55 9.45 5.01
C SER B 150 -26.06 9.75 5.13
N LEU B 151 -25.28 8.82 5.68
CA LEU B 151 -23.84 9.05 5.84
C LEU B 151 -23.03 8.59 4.65
N GLY B 152 -23.58 7.72 3.81
CA GLY B 152 -22.72 7.10 2.82
C GLY B 152 -23.36 5.94 2.10
N GLY B 153 -23.31 6.00 0.77
CA GLY B 153 -23.80 4.94 -0.08
C GLY B 153 -23.57 3.53 0.44
N GLN B 154 -22.32 3.17 0.73
CA GLN B 154 -22.00 1.81 1.18
C GLN B 154 -22.10 1.76 2.71
N SER B 155 -23.24 1.28 3.19
CA SER B 155 -23.48 1.08 4.62
C SER B 155 -23.70 -0.41 4.82
N ALA B 156 -22.72 -1.09 5.38
CA ALA B 156 -22.63 -2.55 5.30
C ALA B 156 -22.79 -3.16 6.69
N TYR B 157 -23.96 -3.72 6.95
CA TYR B 157 -24.16 -4.54 8.15
C TYR B 157 -23.54 -5.91 7.91
N VAL B 158 -22.58 -6.31 8.75
CA VAL B 158 -21.80 -7.51 8.47
C VAL B 158 -22.20 -8.75 9.28
N GLY B 159 -22.92 -8.58 10.38
CA GLY B 159 -23.35 -9.73 11.16
C GLY B 159 -23.64 -9.36 12.60
N ALA B 160 -24.08 -10.38 13.36
CA ALA B 160 -24.57 -10.16 14.72
C ALA B 160 -23.44 -9.95 15.72
N ASP B 161 -22.34 -10.68 15.58
CA ASP B 161 -21.21 -10.59 16.50
C ASP B 161 -20.79 -9.14 16.69
N HIS B 162 -20.78 -8.68 17.94
CA HIS B 162 -20.50 -7.27 18.20
C HIS B 162 -19.09 -6.85 17.81
N GLY B 163 -18.17 -7.81 17.70
CA GLY B 163 -16.82 -7.49 17.30
C GLY B 163 -16.51 -7.62 15.83
N LEU B 164 -17.48 -7.98 14.99
CA LEU B 164 -17.18 -8.33 13.61
C LEU B 164 -16.82 -7.10 12.76
N ALA B 165 -17.55 -6.00 12.92
CA ALA B 165 -17.19 -4.78 12.22
C ALA B 165 -15.76 -4.36 12.53
N ALA B 166 -15.34 -4.53 13.79
CA ALA B 166 -13.98 -4.17 14.17
C ALA B 166 -12.95 -5.05 13.49
N VAL B 167 -13.28 -6.31 13.22
CA VAL B 167 -12.36 -7.19 12.48
C VAL B 167 -12.15 -6.67 11.06
N TYR B 168 -13.26 -6.36 10.37
CA TYR B 168 -13.17 -5.80 9.03
C TYR B 168 -12.37 -4.51 9.05
N ASP B 169 -12.66 -3.64 10.03
CA ASP B 169 -12.01 -2.34 10.16
C ASP B 169 -10.50 -2.50 10.31
N LEU B 170 -10.05 -3.21 11.34
CA LEU B 170 -8.61 -3.25 11.59
C LEU B 170 -7.87 -4.00 10.49
N SER B 171 -8.50 -4.99 9.87
CA SER B 171 -7.84 -5.71 8.77
C SER B 171 -7.58 -4.77 7.60
N MET B 172 -8.56 -3.95 7.25
CA MET B 172 -8.38 -2.99 6.16
C MET B 172 -7.40 -1.89 6.55
N LEU B 173 -7.49 -1.37 7.77
CA LEU B 173 -6.57 -0.33 8.20
C LEU B 173 -5.13 -0.85 8.25
N ASP B 174 -4.95 -2.13 8.57
CA ASP B 174 -3.63 -2.75 8.48
C ASP B 174 -3.06 -2.53 7.08
N PHE B 175 -3.82 -2.89 6.05
CA PHE B 175 -3.39 -2.64 4.68
C PHE B 175 -3.18 -1.15 4.42
N LEU B 176 -4.15 -0.32 4.81
CA LEU B 176 -4.12 1.09 4.41
C LEU B 176 -2.94 1.83 5.03
N PHE B 177 -2.76 1.72 6.35
CA PHE B 177 -1.67 2.42 7.02
C PHE B 177 -0.31 1.88 6.61
N THR B 178 -0.19 0.57 6.43
CA THR B 178 1.07 0.04 5.91
C THR B 178 1.38 0.59 4.53
N SER B 179 0.37 0.63 3.65
CA SER B 179 0.57 1.19 2.31
C SER B 179 0.94 2.67 2.39
N MET B 180 0.24 3.43 3.24
CA MET B 180 0.54 4.85 3.37
C MET B 180 1.96 5.09 3.87
N SER B 181 2.43 4.23 4.77
CA SER B 181 3.84 4.31 5.21
C SER B 181 4.78 4.12 4.02
N GLY B 182 4.49 3.12 3.17
CA GLY B 182 5.32 2.86 2.01
C GLY B 182 5.29 3.98 0.98
N LEU B 183 4.15 4.65 0.85
CA LEU B 183 4.05 5.76 -0.10
C LEU B 183 4.94 6.92 0.35
N VAL B 184 4.84 7.30 1.62
CA VAL B 184 5.72 8.33 2.17
C VAL B 184 7.17 7.91 2.05
N HIS B 185 7.47 6.64 2.34
CA HIS B 185 8.86 6.19 2.32
C HIS B 185 9.43 6.23 0.92
N GLY B 186 8.67 5.76 -0.07
CA GLY B 186 9.16 5.77 -1.44
C GLY B 186 9.40 7.18 -1.95
N TYR B 187 8.51 8.10 -1.62
CA TYR B 187 8.76 9.49 -2.01
C TYR B 187 9.99 10.02 -1.30
N ALA B 188 10.19 9.65 -0.03
CA ALA B 188 11.37 10.10 0.68
C ALA B 188 12.63 9.56 0.03
N LEU B 189 12.60 8.30 -0.40
CA LEU B 189 13.76 7.72 -1.09
C LEU B 189 14.08 8.52 -2.36
N ALA B 190 13.04 8.79 -3.17
CA ALA B 190 13.26 9.54 -4.41
C ALA B 190 13.88 10.92 -4.12
N ALA B 191 13.38 11.60 -3.09
CA ALA B 191 13.87 12.95 -2.79
C ALA B 191 15.34 12.94 -2.39
N LYS B 192 15.83 11.82 -1.83
CA LYS B 192 17.24 11.75 -1.46
C LYS B 192 18.17 11.83 -2.67
N ASP B 193 17.67 11.53 -3.87
CA ASP B 193 18.43 11.69 -5.10
C ASP B 193 17.90 12.84 -5.95
N GLY B 194 17.20 13.77 -5.32
CA GLY B 194 16.76 14.97 -6.00
C GLY B 194 15.53 14.83 -6.87
N VAL B 195 14.79 13.72 -6.78
CA VAL B 195 13.63 13.50 -7.62
C VAL B 195 12.38 13.90 -6.84
N PRO B 196 11.67 14.95 -7.24
CA PRO B 196 10.49 15.38 -6.50
C PRO B 196 9.39 14.32 -6.54
N ALA B 197 8.55 14.34 -5.50
CA ALA B 197 7.44 13.40 -5.49
C ALA B 197 6.53 13.63 -6.69
N ALA B 198 6.42 14.88 -7.15
CA ALA B 198 5.62 15.17 -8.33
C ALA B 198 6.12 14.42 -9.56
N SER B 199 7.43 14.12 -9.60
CA SER B 199 7.96 13.35 -10.73
C SER B 199 7.61 11.86 -10.63
N ILE B 200 7.50 11.33 -9.40
CA ILE B 200 7.17 9.92 -9.19
C ILE B 200 5.67 9.68 -9.37
N ALA B 201 4.85 10.61 -8.88
CA ALA B 201 3.41 10.41 -8.78
C ALA B 201 2.74 9.94 -10.06
N PRO B 202 3.01 10.53 -11.23
CA PRO B 202 2.30 10.11 -12.46
C PRO B 202 2.49 8.64 -12.79
N PHE B 203 3.57 8.02 -12.34
CA PHE B 203 3.82 6.62 -12.65
C PHE B 203 3.18 5.66 -11.65
N LEU B 204 2.81 6.15 -10.47
CA LEU B 204 2.28 5.27 -9.45
C LEU B 204 0.93 4.69 -9.83
N LYS B 205 0.21 5.28 -10.79
CA LYS B 205 -1.02 4.65 -11.25
C LYS B 205 -0.78 3.22 -11.73
N SER B 206 0.39 2.94 -12.31
CA SER B 206 0.70 1.57 -12.71
C SER B 206 0.65 0.63 -11.52
N HIS B 207 1.16 1.08 -10.38
CA HIS B 207 1.21 0.20 -9.22
C HIS B 207 -0.11 0.17 -8.46
N ILE B 208 -0.87 1.27 -8.47
CA ILE B 208 -2.22 1.21 -7.95
C ILE B 208 -3.03 0.17 -8.71
N SER B 209 -2.90 0.17 -10.04
CA SER B 209 -3.59 -0.83 -10.85
C SER B 209 -3.14 -2.24 -10.49
N LEU B 210 -1.84 -2.45 -10.31
CA LEU B 210 -1.37 -3.76 -9.85
C LEU B 210 -2.02 -4.12 -8.52
N LEU B 211 -2.02 -3.19 -7.58
CA LEU B 211 -2.59 -3.49 -6.26
C LEU B 211 -4.07 -3.82 -6.36
N SER B 212 -4.79 -3.16 -7.27
CA SER B 212 -6.21 -3.41 -7.42
C SER B 212 -6.48 -4.88 -7.77
N LEU B 213 -5.70 -5.44 -8.69
CA LEU B 213 -5.83 -6.84 -9.03
C LEU B 213 -5.21 -7.76 -7.97
N ALA B 214 -4.12 -7.33 -7.32
CA ALA B 214 -3.54 -8.14 -6.25
C ALA B 214 -4.49 -8.33 -5.09
N VAL B 215 -5.35 -7.35 -4.81
CA VAL B 215 -6.35 -7.51 -3.77
C VAL B 215 -7.12 -8.80 -3.97
N GLU B 216 -7.56 -9.04 -5.21
CA GLU B 216 -8.36 -10.22 -5.51
C GLU B 216 -7.50 -11.48 -5.53
N GLU B 217 -6.36 -11.43 -6.22
CA GLU B 217 -5.54 -12.62 -6.36
C GLU B 217 -4.96 -13.06 -5.02
N THR B 218 -4.50 -12.11 -4.20
CA THR B 218 -3.95 -12.45 -2.90
C THR B 218 -5.02 -13.08 -2.01
N ALA B 219 -6.25 -12.57 -2.09
CA ALA B 219 -7.32 -13.14 -1.30
C ALA B 219 -7.55 -14.60 -1.67
N LYS B 220 -7.59 -14.89 -2.97
CA LYS B 220 -7.77 -16.28 -3.41
C LYS B 220 -6.61 -17.15 -2.97
N ASN B 221 -5.39 -16.66 -3.13
CA ASN B 221 -4.21 -17.43 -2.72
C ASN B 221 -4.28 -17.79 -1.25
N LEU B 222 -4.62 -16.81 -0.41
CA LEU B 222 -4.62 -17.06 1.04
C LEU B 222 -5.77 -17.98 1.46
N ASP B 223 -6.96 -17.77 0.90
CA ASP B 223 -8.08 -18.65 1.24
C ASP B 223 -7.83 -20.08 0.79
N GLU B 224 -7.10 -20.26 -0.30
CA GLU B 224 -6.84 -21.59 -0.86
C GLU B 224 -5.54 -22.20 -0.36
N GLY B 225 -4.63 -21.40 0.17
CA GLY B 225 -3.31 -21.91 0.52
C GLY B 225 -2.46 -22.24 -0.69
N ALA B 226 -2.61 -21.47 -1.76
CA ALA B 226 -1.88 -21.69 -3.02
C ALA B 226 -1.11 -20.44 -3.37
N TYR B 227 0.19 -20.60 -3.65
CA TYR B 227 1.10 -19.45 -3.79
C TYR B 227 1.96 -19.65 -5.03
N PRO B 228 1.36 -19.66 -6.22
CA PRO B 228 2.11 -20.00 -7.45
C PRO B 228 3.15 -18.94 -7.83
N GLY B 229 4.43 -19.28 -7.74
CA GLY B 229 5.50 -18.34 -7.95
C GLY B 229 6.27 -18.42 -9.25
N ALA B 230 5.79 -19.19 -10.24
CA ALA B 230 6.60 -19.40 -11.44
C ALA B 230 7.00 -18.10 -12.11
N GLU B 231 6.11 -17.09 -12.09
CA GLU B 231 6.37 -15.86 -12.82
C GLU B 231 6.97 -14.76 -11.95
N ALA B 232 7.06 -14.98 -10.64
CA ALA B 232 7.64 -13.99 -9.74
C ALA B 232 7.90 -14.66 -8.39
N ASN B 233 9.11 -15.16 -8.18
CA ASN B 233 9.37 -15.97 -7.01
C ASN B 233 9.82 -15.13 -5.82
N LEU B 234 9.54 -15.65 -4.63
CA LEU B 234 9.78 -14.91 -3.39
C LEU B 234 11.27 -14.65 -3.17
N ALA B 235 12.13 -15.60 -3.54
CA ALA B 235 13.58 -15.35 -3.40
C ALA B 235 14.00 -14.12 -4.20
N MET B 236 13.49 -13.98 -5.43
CA MET B 236 13.79 -12.79 -6.22
C MET B 236 13.26 -11.54 -5.53
N ALA B 237 12.06 -11.61 -4.95
CA ALA B 237 11.50 -10.43 -4.31
C ALA B 237 12.30 -10.03 -3.07
N VAL B 238 12.81 -11.01 -2.31
CA VAL B 238 13.64 -10.69 -1.16
C VAL B 238 14.86 -9.90 -1.58
N GLU B 239 15.53 -10.31 -2.66
CA GLU B 239 16.68 -9.54 -3.14
C GLU B 239 16.27 -8.13 -3.54
N GLY B 240 15.12 -8.00 -4.21
CA GLY B 240 14.65 -6.67 -4.58
C GLY B 240 14.44 -5.77 -3.37
N ILE B 241 13.84 -6.33 -2.31
CA ILE B 241 13.62 -5.57 -1.09
C ILE B 241 14.94 -5.20 -0.43
N GLU B 242 15.90 -6.14 -0.40
CA GLU B 242 17.23 -5.83 0.13
C GLU B 242 17.81 -4.60 -0.52
N HIS B 243 17.69 -4.50 -1.85
CA HIS B 243 18.28 -3.36 -2.54
C HIS B 243 17.63 -2.06 -2.11
N ILE B 244 16.30 -2.05 -1.91
CA ILE B 244 15.61 -0.86 -1.43
C ILE B 244 16.09 -0.51 -0.04
N LEU B 245 16.18 -1.52 0.84
CA LEU B 245 16.52 -1.29 2.23
C LEU B 245 17.93 -0.70 2.33
N HIS B 246 18.89 -1.29 1.63
CA HIS B 246 20.24 -0.75 1.65
C HIS B 246 20.29 0.64 1.04
N ALA B 247 19.66 0.85 -0.11
CA ALA B 247 19.67 2.20 -0.70
C ALA B 247 19.12 3.22 0.29
N ALA B 248 18.01 2.89 0.94
CA ALA B 248 17.40 3.85 1.86
C ALA B 248 18.27 4.07 3.10
N GLU B 249 18.80 2.99 3.67
CA GLU B 249 19.59 3.13 4.88
C GLU B 249 20.84 3.95 4.64
N ARG B 250 21.45 3.80 3.46
CA ARG B 250 22.67 4.50 3.11
C ARG B 250 22.41 6.00 2.86
N ARG B 251 21.15 6.37 2.65
CA ARG B 251 20.72 7.75 2.50
C ARG B 251 20.20 8.33 3.81
N GLY B 252 20.30 7.57 4.89
CA GLY B 252 19.95 8.06 6.21
C GLY B 252 18.49 7.92 6.59
N LEU B 253 17.71 7.16 5.85
CA LEU B 253 16.31 7.00 6.19
C LEU B 253 16.12 5.89 7.21
N ASP B 254 15.10 6.03 8.04
CA ASP B 254 14.62 4.93 8.85
C ASP B 254 14.18 3.81 7.91
N VAL B 255 14.61 2.58 8.20
CA VAL B 255 14.23 1.44 7.38
C VAL B 255 13.58 0.34 8.21
N SER B 256 12.99 0.70 9.36
CA SER B 256 12.36 -0.30 10.20
C SER B 256 11.23 -1.03 9.46
N VAL B 257 10.46 -0.34 8.64
CA VAL B 257 9.37 -1.02 7.94
C VAL B 257 9.92 -1.99 6.89
N LEU B 258 10.86 -1.53 6.06
CA LEU B 258 11.43 -2.43 5.07
C LEU B 258 12.12 -3.62 5.73
N ARG B 259 12.75 -3.41 6.89
CA ARG B 259 13.38 -4.53 7.59
C ARG B 259 12.32 -5.57 7.96
N GLY B 260 11.16 -5.11 8.44
CA GLY B 260 10.08 -6.04 8.73
C GLY B 260 9.53 -6.71 7.48
N VAL B 261 9.36 -5.94 6.40
CA VAL B 261 8.88 -6.53 5.15
C VAL B 261 9.79 -7.66 4.73
N ARG B 262 11.09 -7.39 4.73
CA ARG B 262 12.08 -8.37 4.33
C ARG B 262 12.11 -9.55 5.29
N ASP B 263 12.02 -9.29 6.60
CA ASP B 263 12.17 -10.38 7.57
C ASP B 263 11.03 -11.38 7.48
N VAL B 264 9.80 -10.89 7.29
CA VAL B 264 8.67 -11.80 7.12
C VAL B 264 8.83 -12.61 5.84
N ALA B 265 9.26 -11.97 4.75
CA ALA B 265 9.49 -12.69 3.51
C ALA B 265 10.61 -13.72 3.68
N GLN B 266 11.69 -13.34 4.33
CA GLN B 266 12.80 -14.27 4.57
C GLN B 266 12.33 -15.45 5.42
N ARG B 267 11.51 -15.20 6.45
CA ARG B 267 10.99 -16.31 7.24
C ARG B 267 10.19 -17.28 6.37
N ALA B 268 9.38 -16.77 5.45
CA ALA B 268 8.64 -17.65 4.56
C ALA B 268 9.58 -18.44 3.65
N VAL B 269 10.66 -17.82 3.17
CA VAL B 269 11.67 -18.57 2.42
C VAL B 269 12.24 -19.69 3.29
N ASP B 270 12.57 -19.37 4.55
CA ASP B 270 13.16 -20.38 5.43
C ASP B 270 12.20 -21.53 5.68
N LEU B 271 10.88 -21.27 5.59
CA LEU B 271 9.85 -22.28 5.73
C LEU B 271 9.58 -23.01 4.42
N GLY B 272 10.40 -22.80 3.39
CA GLY B 272 10.33 -23.57 2.18
C GLY B 272 9.70 -22.90 0.98
N HIS B 273 9.47 -21.58 1.02
CA HIS B 273 8.63 -20.91 0.02
C HIS B 273 9.41 -20.05 -0.98
N GLY B 274 10.71 -20.29 -1.14
CA GLY B 274 11.51 -19.44 -2.00
C GLY B 274 11.12 -19.46 -3.47
N ALA B 275 10.47 -20.51 -3.93
CA ALA B 275 10.00 -20.60 -5.30
C ALA B 275 8.54 -20.19 -5.45
N ASP B 276 7.85 -19.89 -4.34
CA ASP B 276 6.45 -19.53 -4.35
C ASP B 276 6.29 -18.03 -4.56
N SER B 277 5.05 -17.57 -4.66
CA SER B 277 4.77 -16.15 -4.90
C SER B 277 4.78 -15.37 -3.59
N TRP B 278 4.63 -14.05 -3.72
CA TRP B 278 4.56 -13.19 -2.55
C TRP B 278 3.49 -13.63 -1.56
N SER B 279 2.39 -14.21 -2.05
CA SER B 279 1.33 -14.64 -1.15
C SER B 279 1.84 -15.61 -0.09
N ALA B 280 2.89 -16.38 -0.39
CA ALA B 280 3.44 -17.31 0.60
C ALA B 280 3.98 -16.61 1.83
N THR B 281 4.20 -15.28 1.76
CA THR B 281 4.65 -14.56 2.95
C THR B 281 3.65 -14.62 4.08
N VAL B 282 2.39 -15.00 3.81
CA VAL B 282 1.45 -15.20 4.89
C VAL B 282 1.99 -16.23 5.89
N GLU B 283 2.78 -17.19 5.40
CA GLU B 283 3.34 -18.20 6.30
C GLU B 283 4.39 -17.61 7.23
N GLY B 284 5.16 -16.63 6.76
CA GLY B 284 6.07 -15.93 7.64
C GLY B 284 5.33 -15.06 8.65
N ALA B 285 4.22 -14.45 8.23
CA ALA B 285 3.45 -13.61 9.16
C ALA B 285 2.83 -14.46 10.25
N ARG B 286 2.45 -15.69 9.92
CA ARG B 286 1.77 -16.58 10.86
C ARG B 286 2.73 -17.36 11.74
N ASN B 287 3.99 -17.51 11.33
CA ASN B 287 4.94 -18.36 12.04
C ASN B 287 6.25 -17.62 12.28
N PRO B 288 6.21 -16.51 13.02
CA PRO B 288 7.45 -15.79 13.33
C PRO B 288 8.38 -16.63 14.18
N ALA B 289 9.64 -16.21 14.21
CA ALA B 289 10.63 -16.83 15.10
C ALA B 289 10.68 -16.11 16.44
#